data_1KCS
#
_entry.id   1KCS
#
_cell.length_a   52.601
_cell.length_b   69.524
_cell.length_c   59.359
_cell.angle_alpha   90.00
_cell.angle_beta   95.62
_cell.angle_gamma   90.00
#
_symmetry.space_group_name_H-M   'P 1 21 1'
#
loop_
_entity.id
_entity.type
_entity.pdbx_description
1 polymer 'PC282 IMMUNOGLOBULIN'
2 polymer 'PC282 IMMUNOGLOBULIN'
3 polymer 'PS1 peptide'
4 water water
#
loop_
_entity_poly.entity_id
_entity_poly.type
_entity_poly.pdbx_seq_one_letter_code
_entity_poly.pdbx_strand_id
1 'polypeptide(L)'
;DIVMTQSPKSMGMSVGEAVTLNCKASENVGTYVSWYQQKPGQSPVLLIYGASNRYTGVPDRFTGSGSATDFTLTISSVQA
DDDADYYCGQSYSSPLTFGGGTKLELKRADAAPTSSIFPPSSEQLSSGGASVVCFLNSFYPKSIAVKWKVDGSKRANGTA
NSWTDQDSASSTYSMSSTLTLTKDKYERHNSYTCEATHKTSSSPVVKSFNRNEC
;
L
2 'polypeptide(L)'
;QVTLSQSGPGLVKPSQSLSLTCTVTSYSITSDYAWNWIRQFAGQSLEWMGYISYSGSTSYNPSLKSRISITRDTSKNQFF
LQLNSVTTDDTATYYCARGGTGFPYWGTGTNVTVSAASTTAPSVFPLVPGSATAAASAVTLGCLVKGYFPEPVTVAWNEG
ALSSGVLTVSAVLQSGLYTLSSNTTVASGTWPSASVTCLVAHPKSSTAADKKIEPKD
;
H
3 'polypeptide(L)' HQLDPAFGANSTNPD P
#
# COMPACT_ATOMS: atom_id res chain seq x y z
N ASP A 1 -19.47 5.59 -20.56
CA ASP A 1 -18.56 5.25 -21.68
C ASP A 1 -18.53 3.75 -21.93
N ILE A 2 -17.34 3.24 -22.20
CA ILE A 2 -17.12 1.83 -22.47
C ILE A 2 -16.67 1.12 -21.22
N VAL A 3 -17.38 0.05 -20.85
CA VAL A 3 -17.02 -0.73 -19.68
C VAL A 3 -16.04 -1.84 -20.05
N MET A 4 -14.96 -1.97 -19.25
CA MET A 4 -13.98 -3.05 -19.43
C MET A 4 -14.03 -3.92 -18.24
N THR A 5 -14.55 -5.11 -18.45
CA THR A 5 -14.72 -6.07 -17.37
C THR A 5 -13.57 -7.05 -17.22
N GLN A 6 -13.12 -7.28 -15.99
CA GLN A 6 -12.03 -8.23 -15.72
C GLN A 6 -12.61 -9.38 -14.88
N SER A 7 -12.84 -10.50 -15.56
CA SER A 7 -13.45 -11.69 -14.96
C SER A 7 -12.95 -12.20 -13.60
N PRO A 8 -11.86 -13.00 -13.56
CA PRO A 8 -11.40 -13.47 -12.25
C PRO A 8 -10.94 -12.39 -11.30
N LYS A 9 -11.80 -12.01 -10.36
CA LYS A 9 -11.48 -10.97 -9.39
C LYS A 9 -10.16 -11.23 -8.66
N SER A 10 -9.88 -12.49 -8.36
CA SER A 10 -8.66 -12.82 -7.63
C SER A 10 -8.08 -14.07 -8.25
N MET A 11 -6.89 -14.46 -7.80
CA MET A 11 -6.21 -15.67 -8.31
C MET A 11 -4.87 -15.99 -7.65
N GLY A 12 -4.53 -17.27 -7.62
CA GLY A 12 -3.27 -17.70 -7.03
C GLY A 12 -2.66 -18.89 -7.75
N MET A 13 -1.37 -18.80 -8.09
CA MET A 13 -0.69 -19.88 -8.78
C MET A 13 0.63 -20.19 -8.09
N SER A 14 1.38 -21.14 -8.65
CA SER A 14 2.67 -21.52 -8.12
C SER A 14 3.74 -21.05 -9.10
N VAL A 15 4.99 -21.01 -8.66
CA VAL A 15 6.08 -20.56 -9.53
C VAL A 15 6.37 -21.57 -10.64
N GLY A 16 6.32 -21.08 -11.87
CA GLY A 16 6.58 -21.91 -13.02
C GLY A 16 5.35 -22.10 -13.89
N GLU A 17 4.18 -21.97 -13.28
CA GLU A 17 2.91 -22.13 -13.97
C GLU A 17 2.46 -20.89 -14.72
N ALA A 18 1.64 -21.11 -15.75
CA ALA A 18 1.13 -20.04 -16.57
C ALA A 18 -0.11 -19.42 -15.98
N VAL A 19 -0.39 -18.18 -16.39
CA VAL A 19 -1.58 -17.49 -15.94
C VAL A 19 -2.19 -16.73 -17.11
N THR A 20 -3.51 -16.74 -17.20
CA THR A 20 -4.23 -16.07 -18.28
C THR A 20 -5.29 -15.16 -17.73
N LEU A 21 -5.13 -13.86 -17.93
CA LEU A 21 -6.10 -12.89 -17.47
C LEU A 21 -7.03 -12.52 -18.62
N ASN A 22 -8.23 -12.06 -18.31
CA ASN A 22 -9.15 -11.70 -19.37
C ASN A 22 -9.70 -10.30 -19.20
N CYS A 23 -9.84 -9.59 -20.31
CA CYS A 23 -10.37 -8.24 -20.27
C CYS A 23 -11.39 -8.15 -21.41
N LYS A 24 -12.60 -7.73 -21.07
CA LYS A 24 -13.66 -7.59 -22.05
C LYS A 24 -14.15 -6.14 -22.17
N ALA A 25 -14.50 -5.74 -23.38
CA ALA A 25 -14.99 -4.40 -23.64
C ALA A 25 -16.48 -4.48 -24.00
N SER A 26 -17.27 -3.53 -23.54
CA SER A 26 -18.68 -3.56 -23.87
C SER A 26 -18.84 -3.35 -25.35
N GLU A 27 -17.89 -2.64 -25.93
CA GLU A 27 -17.91 -2.43 -27.36
C GLU A 27 -16.49 -2.35 -27.89
N ASN A 28 -16.40 -2.27 -29.21
CA ASN A 28 -15.16 -2.21 -29.95
C ASN A 28 -14.16 -1.15 -29.52
N VAL A 29 -12.94 -1.61 -29.23
CA VAL A 29 -11.84 -0.75 -28.85
C VAL A 29 -10.64 -1.14 -29.71
N GLY A 30 -10.92 -1.65 -30.92
CA GLY A 30 -9.89 -2.07 -31.84
C GLY A 30 -8.81 -2.85 -31.13
N THR A 31 -7.62 -2.28 -31.00
CA THR A 31 -6.51 -2.94 -30.32
C THR A 31 -5.84 -2.00 -29.33
N TYR A 32 -6.56 -0.95 -28.91
CA TYR A 32 -6.00 0.01 -27.98
C TYR A 32 -6.21 -0.35 -26.53
N VAL A 33 -5.88 -1.59 -26.20
CA VAL A 33 -5.98 -2.06 -24.83
C VAL A 33 -4.54 -2.12 -24.33
N SER A 34 -4.36 -1.68 -23.09
CA SER A 34 -3.05 -1.70 -22.46
C SER A 34 -3.20 -2.43 -21.14
N TRP A 35 -2.12 -3.08 -20.68
CA TRP A 35 -2.12 -3.82 -19.43
C TRP A 35 -1.10 -3.26 -18.46
N TYR A 36 -1.49 -3.11 -17.20
CA TYR A 36 -0.59 -2.58 -16.18
C TYR A 36 -0.42 -3.51 -15.01
N GLN A 37 0.72 -3.38 -14.35
CA GLN A 37 1.08 -4.15 -13.18
C GLN A 37 1.23 -3.13 -12.05
N GLN A 38 0.67 -3.42 -10.87
CA GLN A 38 0.80 -2.51 -9.74
C GLN A 38 1.16 -3.20 -8.43
N LYS A 39 2.45 -3.20 -8.11
CA LYS A 39 2.95 -3.82 -6.88
C LYS A 39 2.62 -2.97 -5.66
N PRO A 40 2.66 -3.58 -4.47
CA PRO A 40 2.38 -2.96 -3.17
C PRO A 40 3.03 -1.60 -2.91
N GLY A 41 2.21 -0.59 -2.63
CA GLY A 41 2.72 0.74 -2.36
C GLY A 41 3.51 1.36 -3.50
N GLN A 42 3.20 0.97 -4.73
CA GLN A 42 3.87 1.51 -5.91
C GLN A 42 2.83 2.00 -6.90
N SER A 43 3.26 2.71 -7.93
CA SER A 43 2.32 3.21 -8.91
C SER A 43 2.23 2.25 -10.10
N PRO A 44 1.18 2.41 -10.94
CA PRO A 44 0.94 1.59 -12.13
C PRO A 44 2.12 1.57 -13.12
N VAL A 45 2.36 0.41 -13.73
CA VAL A 45 3.42 0.26 -14.71
C VAL A 45 2.87 -0.40 -15.97
N LEU A 46 3.11 0.24 -17.10
CA LEU A 46 2.65 -0.27 -18.38
C LEU A 46 3.42 -1.54 -18.77
N LEU A 47 2.68 -2.63 -18.96
CA LEU A 47 3.29 -3.90 -19.35
C LEU A 47 3.14 -4.18 -20.85
N ILE A 48 1.90 -4.07 -21.35
CA ILE A 48 1.60 -4.28 -22.76
C ILE A 48 0.73 -3.13 -23.26
N TYR A 49 0.95 -2.75 -24.51
CA TYR A 49 0.16 -1.68 -25.11
C TYR A 49 -0.14 -2.16 -26.53
N GLY A 50 -1.14 -1.54 -27.18
CA GLY A 50 -1.50 -1.97 -28.51
C GLY A 50 -1.97 -3.42 -28.49
N ALA A 51 -2.53 -3.81 -27.35
CA ALA A 51 -3.05 -5.16 -27.14
C ALA A 51 -2.04 -6.30 -27.08
N SER A 52 -0.95 -6.18 -27.84
CA SER A 52 0.07 -7.25 -27.90
C SER A 52 1.49 -6.73 -28.05
N ASN A 53 1.75 -5.53 -27.57
CA ASN A 53 3.08 -4.99 -27.69
C ASN A 53 3.75 -4.97 -26.34
N ARG A 54 4.73 -5.84 -26.15
CA ARG A 54 5.44 -5.89 -24.89
C ARG A 54 6.15 -4.55 -24.81
N TYR A 55 5.95 -3.84 -23.72
CA TYR A 55 6.57 -2.53 -23.54
C TYR A 55 8.04 -2.63 -23.12
N THR A 56 8.74 -1.50 -23.27
CA THR A 56 10.17 -1.34 -22.96
C THR A 56 10.64 -1.97 -21.65
N GLY A 57 11.66 -2.82 -21.75
CA GLY A 57 12.23 -3.47 -20.57
C GLY A 57 11.29 -4.29 -19.71
N VAL A 58 10.34 -4.94 -20.37
CA VAL A 58 9.35 -5.78 -19.71
C VAL A 58 9.76 -7.18 -20.14
N PRO A 59 9.91 -8.12 -19.19
CA PRO A 59 10.31 -9.48 -19.56
C PRO A 59 9.38 -10.25 -20.51
N ASP A 60 9.99 -11.11 -21.34
CA ASP A 60 9.28 -11.93 -22.33
C ASP A 60 8.21 -12.86 -21.78
N ARG A 61 8.25 -13.13 -20.49
CA ARG A 61 7.24 -14.01 -19.90
C ARG A 61 5.89 -13.31 -20.05
N PHE A 62 5.91 -12.02 -20.37
CA PHE A 62 4.67 -11.28 -20.57
C PHE A 62 4.34 -11.10 -22.06
N THR A 63 3.14 -11.53 -22.45
CA THR A 63 2.65 -11.38 -23.83
C THR A 63 1.18 -11.00 -23.75
N GLY A 64 0.65 -10.48 -24.85
CA GLY A 64 -0.76 -10.08 -24.87
C GLY A 64 -1.37 -10.39 -26.22
N SER A 65 -2.68 -10.67 -26.22
CA SER A 65 -3.38 -10.98 -27.46
C SER A 65 -4.80 -10.44 -27.38
N GLY A 66 -5.54 -10.51 -28.47
CA GLY A 66 -6.89 -10.02 -28.41
C GLY A 66 -7.21 -8.90 -29.37
N SER A 67 -8.48 -8.60 -29.52
CA SER A 67 -8.86 -7.56 -30.44
C SER A 67 -10.34 -7.20 -30.34
N ALA A 68 -10.63 -5.92 -30.58
CA ALA A 68 -11.99 -5.40 -30.56
C ALA A 68 -12.97 -6.11 -29.64
N THR A 69 -12.92 -5.79 -28.34
CA THR A 69 -13.85 -6.38 -27.35
C THR A 69 -13.43 -7.57 -26.46
N ASP A 70 -12.47 -8.38 -26.90
CA ASP A 70 -12.01 -9.52 -26.09
C ASP A 70 -10.47 -9.62 -26.01
N PHE A 71 -9.93 -9.35 -24.82
CA PHE A 71 -8.49 -9.33 -24.62
C PHE A 71 -7.95 -10.21 -23.50
N THR A 72 -6.70 -10.63 -23.63
CA THR A 72 -6.05 -11.48 -22.64
C THR A 72 -4.59 -11.09 -22.41
N LEU A 73 -4.07 -11.45 -21.23
CA LEU A 73 -2.68 -11.18 -20.86
C LEU A 73 -2.12 -12.52 -20.36
N THR A 74 -1.00 -12.96 -20.94
CA THR A 74 -0.41 -14.23 -20.57
C THR A 74 0.99 -14.10 -19.96
N ILE A 75 1.23 -14.78 -18.85
CA ILE A 75 2.57 -14.75 -18.25
C ILE A 75 3.17 -16.16 -18.38
N SER A 76 4.00 -16.37 -19.40
CA SER A 76 4.64 -17.68 -19.64
C SER A 76 4.86 -18.50 -18.38
N SER A 77 5.69 -17.97 -17.49
CA SER A 77 6.01 -18.64 -16.24
C SER A 77 5.92 -17.61 -15.11
N VAL A 78 5.14 -17.91 -14.08
CA VAL A 78 4.98 -16.99 -12.97
C VAL A 78 6.18 -17.03 -12.05
N GLN A 79 6.49 -15.89 -11.44
CA GLN A 79 7.61 -15.79 -10.52
C GLN A 79 7.10 -15.10 -9.28
N ALA A 80 7.68 -15.44 -8.12
CA ALA A 80 7.23 -14.84 -6.86
C ALA A 80 7.29 -13.32 -7.06
N ASP A 81 8.16 -12.94 -7.98
CA ASP A 81 8.42 -11.56 -8.37
C ASP A 81 7.13 -10.88 -8.87
N ASP A 82 6.32 -11.60 -9.63
CA ASP A 82 5.11 -11.05 -10.22
C ASP A 82 3.91 -10.75 -9.30
N ASP A 83 4.12 -10.83 -7.99
CA ASP A 83 3.04 -10.53 -7.05
C ASP A 83 2.58 -9.09 -7.30
N ALA A 84 1.28 -8.89 -7.58
CA ALA A 84 0.74 -7.56 -7.87
C ALA A 84 -0.70 -7.55 -8.41
N ASP A 85 -1.20 -6.34 -8.65
CA ASP A 85 -2.55 -6.18 -9.18
C ASP A 85 -2.33 -5.88 -10.66
N TYR A 86 -3.23 -6.38 -11.50
CA TYR A 86 -3.14 -6.19 -12.94
C TYR A 86 -4.43 -5.58 -13.45
N TYR A 87 -4.33 -4.42 -14.08
CA TYR A 87 -5.52 -3.77 -14.60
C TYR A 87 -5.42 -3.70 -16.12
N CYS A 88 -6.54 -3.44 -16.76
CA CYS A 88 -6.55 -3.29 -18.19
C CYS A 88 -7.30 -2.01 -18.54
N GLY A 89 -6.86 -1.33 -19.59
CA GLY A 89 -7.52 -0.11 -19.99
C GLY A 89 -7.67 0.01 -21.49
N GLN A 90 -8.65 0.80 -21.90
CA GLN A 90 -8.89 1.03 -23.31
C GLN A 90 -8.67 2.53 -23.55
N SER A 91 -7.94 2.86 -24.61
CA SER A 91 -7.68 4.25 -24.94
C SER A 91 -8.18 4.50 -26.35
N TYR A 92 -9.33 3.91 -26.65
CA TYR A 92 -9.97 4.04 -27.95
C TYR A 92 -11.00 5.18 -27.97
N SER A 93 -11.85 5.23 -26.94
CA SER A 93 -12.91 6.24 -26.86
C SER A 93 -12.78 7.41 -25.84
N SER A 94 -13.33 8.56 -26.20
CA SER A 94 -13.36 9.82 -25.49
C SER A 94 -12.98 9.69 -24.02
N PRO A 95 -13.76 8.97 -23.18
CA PRO A 95 -13.43 8.83 -21.75
C PRO A 95 -12.74 7.50 -21.40
N LEU A 96 -11.42 7.53 -21.29
CA LEU A 96 -10.62 6.35 -20.98
C LEU A 96 -11.08 5.59 -19.73
N THR A 97 -11.29 4.29 -19.87
CA THR A 97 -11.74 3.48 -18.74
C THR A 97 -10.81 2.29 -18.46
N PHE A 98 -10.88 1.79 -17.23
CA PHE A 98 -10.05 0.66 -16.80
C PHE A 98 -10.90 -0.46 -16.18
N GLY A 99 -10.42 -1.70 -16.32
CA GLY A 99 -11.13 -2.82 -15.75
C GLY A 99 -11.10 -2.68 -14.26
N GLY A 100 -11.87 -3.52 -13.56
CA GLY A 100 -11.89 -3.46 -12.11
C GLY A 100 -10.60 -3.99 -11.50
N GLY A 101 -9.82 -4.69 -12.30
CA GLY A 101 -8.55 -5.22 -11.83
C GLY A 101 -8.61 -6.65 -11.32
N THR A 102 -7.46 -7.33 -11.40
CA THR A 102 -7.32 -8.70 -10.92
C THR A 102 -6.05 -8.87 -10.08
N LYS A 103 -6.20 -9.31 -8.84
CA LYS A 103 -5.03 -9.50 -7.98
C LYS A 103 -4.46 -10.88 -8.26
N LEU A 104 -3.14 -10.98 -8.20
CA LEU A 104 -2.49 -12.25 -8.41
C LEU A 104 -1.72 -12.58 -7.15
N GLU A 105 -1.96 -13.76 -6.61
CA GLU A 105 -1.27 -14.15 -5.40
C GLU A 105 -0.46 -15.41 -5.67
N LEU A 106 0.82 -15.43 -5.25
CA LEU A 106 1.66 -16.62 -5.45
C LEU A 106 1.32 -17.62 -4.38
N LYS A 107 1.55 -18.86 -4.73
CA LYS A 107 1.26 -19.99 -3.86
C LYS A 107 2.57 -20.71 -3.57
N ARG A 108 2.79 -21.07 -2.32
CA ARG A 108 4.01 -21.78 -1.95
C ARG A 108 3.72 -22.91 -0.97
N ALA A 109 4.77 -23.57 -0.52
CA ALA A 109 4.60 -24.66 0.43
C ALA A 109 4.28 -24.06 1.80
N ASP A 110 3.50 -24.79 2.59
CA ASP A 110 3.10 -24.35 3.93
C ASP A 110 4.31 -23.86 4.71
N ALA A 111 4.08 -22.88 5.58
CA ALA A 111 5.15 -22.31 6.39
C ALA A 111 4.63 -21.90 7.75
N ALA A 112 5.09 -22.59 8.79
CA ALA A 112 4.69 -22.28 10.16
C ALA A 112 5.40 -21.01 10.57
N PRO A 113 4.71 -20.10 11.27
CA PRO A 113 5.31 -18.84 11.71
C PRO A 113 6.09 -18.86 13.01
N THR A 114 6.83 -17.77 13.24
CA THR A 114 7.63 -17.54 14.43
C THR A 114 6.95 -16.37 15.16
N SER A 115 6.63 -16.58 16.42
CA SER A 115 5.94 -15.56 17.20
C SER A 115 6.89 -14.79 18.10
N SER A 116 6.58 -13.50 18.25
CA SER A 116 7.34 -12.59 19.11
C SER A 116 6.30 -11.85 19.92
N ILE A 117 6.56 -11.70 21.21
CA ILE A 117 5.65 -11.01 22.08
C ILE A 117 6.38 -9.76 22.53
N PHE A 118 5.64 -8.67 22.71
CA PHE A 118 6.24 -7.41 23.12
C PHE A 118 5.46 -6.76 24.24
N PRO A 119 6.11 -6.56 25.40
CA PRO A 119 5.40 -5.94 26.53
C PRO A 119 5.16 -4.45 26.21
N PRO A 120 4.27 -3.80 26.97
CA PRO A 120 4.10 -2.38 26.62
C PRO A 120 5.37 -1.62 27.00
N SER A 121 5.66 -0.57 26.25
CA SER A 121 6.85 0.24 26.51
C SER A 121 6.59 1.14 27.70
N SER A 122 7.46 1.11 28.70
CA SER A 122 7.27 1.94 29.88
C SER A 122 6.93 3.36 29.46
N GLU A 123 7.45 3.78 28.31
CA GLU A 123 7.19 5.13 27.81
C GLU A 123 5.69 5.35 27.57
N GLN A 124 5.01 4.33 27.05
CA GLN A 124 3.58 4.43 26.78
C GLN A 124 2.81 4.44 28.09
N LEU A 125 3.13 3.49 28.97
CA LEU A 125 2.47 3.38 30.28
C LEU A 125 2.38 4.73 30.97
N SER A 126 3.27 5.64 30.59
CA SER A 126 3.25 6.97 31.18
C SER A 126 1.92 7.65 30.92
N SER A 127 1.42 7.49 29.70
CA SER A 127 0.15 8.10 29.28
C SER A 127 -1.11 7.30 29.67
N GLY A 128 -0.95 6.32 30.56
CA GLY A 128 -2.09 5.53 31.01
C GLY A 128 -2.52 4.52 29.96
N GLY A 129 -1.59 4.13 29.09
CA GLY A 129 -1.88 3.16 28.06
C GLY A 129 -0.85 2.03 28.04
N ALA A 130 -1.29 0.84 27.62
CA ALA A 130 -0.41 -0.33 27.56
C ALA A 130 -0.75 -1.17 26.35
N SER A 131 0.18 -1.28 25.42
CA SER A 131 -0.04 -2.09 24.22
C SER A 131 0.83 -3.34 24.20
N VAL A 132 0.20 -4.50 24.23
CA VAL A 132 0.89 -5.77 24.16
C VAL A 132 0.68 -6.24 22.73
N VAL A 133 1.77 -6.33 21.98
CA VAL A 133 1.73 -6.73 20.58
C VAL A 133 2.34 -8.12 20.31
N CYS A 134 1.61 -8.95 19.58
CA CYS A 134 2.07 -10.29 19.23
C CYS A 134 2.43 -10.32 17.74
N PHE A 135 3.65 -10.74 17.43
CA PHE A 135 4.08 -10.78 16.03
C PHE A 135 4.36 -12.18 15.50
N LEU A 136 3.56 -12.57 14.51
CA LEU A 136 3.73 -13.86 13.87
C LEU A 136 4.44 -13.56 12.56
N ASN A 137 5.68 -14.02 12.42
CA ASN A 137 6.43 -13.72 11.21
C ASN A 137 6.64 -14.85 10.21
N SER A 138 6.67 -14.47 8.93
CA SER A 138 6.88 -15.34 7.78
C SER A 138 6.26 -16.72 7.80
N PHE A 139 4.98 -16.78 7.47
CA PHE A 139 4.24 -18.04 7.43
C PHE A 139 3.35 -18.09 6.18
N TYR A 140 2.88 -19.28 5.83
CA TYR A 140 1.99 -19.46 4.70
C TYR A 140 1.20 -20.72 4.93
N PRO A 141 -0.12 -20.69 4.65
CA PRO A 141 -0.89 -19.57 4.12
C PRO A 141 -1.27 -18.45 5.08
N LYS A 142 -1.96 -17.45 4.53
CA LYS A 142 -2.43 -16.26 5.24
C LYS A 142 -3.34 -16.57 6.43
N SER A 143 -4.16 -17.61 6.29
CA SER A 143 -5.06 -17.98 7.37
C SER A 143 -4.31 -18.23 8.66
N ILE A 144 -4.78 -17.62 9.74
CA ILE A 144 -4.13 -17.76 11.04
C ILE A 144 -5.03 -17.09 12.09
N ALA A 145 -5.34 -17.82 13.17
CA ALA A 145 -6.19 -17.26 14.21
C ALA A 145 -5.40 -17.00 15.49
N VAL A 146 -5.58 -15.81 16.05
CA VAL A 146 -4.89 -15.40 17.27
C VAL A 146 -5.86 -15.17 18.42
N LYS A 147 -5.61 -15.85 19.53
CA LYS A 147 -6.43 -15.72 20.73
C LYS A 147 -5.53 -15.07 21.79
N TRP A 148 -6.12 -14.19 22.60
CA TRP A 148 -5.39 -13.48 23.67
C TRP A 148 -5.82 -13.94 25.06
N LYS A 149 -4.86 -14.26 25.92
CA LYS A 149 -5.20 -14.66 27.27
C LYS A 149 -4.65 -13.70 28.32
N VAL A 150 -5.45 -13.43 29.35
CA VAL A 150 -5.07 -12.53 30.44
C VAL A 150 -5.30 -13.25 31.77
N ASP A 151 -4.26 -13.92 32.27
CA ASP A 151 -4.33 -14.69 33.50
C ASP A 151 -5.04 -16.01 33.21
N GLY A 152 -4.94 -16.46 31.97
CA GLY A 152 -5.56 -17.71 31.58
C GLY A 152 -6.97 -17.59 31.02
N SER A 153 -7.54 -16.39 31.07
CA SER A 153 -8.90 -16.15 30.58
C SER A 153 -8.93 -15.38 29.26
N LYS A 154 -9.77 -15.83 28.37
CA LYS A 154 -9.90 -15.21 27.06
C LYS A 154 -10.18 -13.71 27.16
N ARG A 155 -9.71 -12.94 26.18
CA ARG A 155 -9.89 -11.51 26.13
C ARG A 155 -10.12 -11.12 24.70
N ALA A 156 -11.39 -11.03 24.29
CA ALA A 156 -11.74 -10.71 22.91
C ALA A 156 -11.92 -9.21 22.66
N ASN A 157 -11.84 -8.40 23.71
CA ASN A 157 -12.01 -6.96 23.56
C ASN A 157 -10.68 -6.24 23.40
N GLY A 158 -10.74 -5.06 22.79
CA GLY A 158 -9.55 -4.24 22.60
C GLY A 158 -8.41 -4.79 21.76
N THR A 159 -8.70 -5.66 20.79
CA THR A 159 -7.64 -6.21 19.95
C THR A 159 -7.82 -5.97 18.45
N ALA A 160 -6.79 -5.36 17.87
CA ALA A 160 -6.74 -5.06 16.45
C ALA A 160 -5.68 -5.98 15.84
N ASN A 161 -6.02 -6.59 14.72
CA ASN A 161 -5.11 -7.52 14.03
C ASN A 161 -4.85 -7.02 12.61
N SER A 162 -3.64 -7.22 12.11
CA SER A 162 -3.36 -6.76 10.76
C SER A 162 -2.27 -7.57 10.06
N TRP A 163 -2.41 -7.65 8.73
CA TRP A 163 -1.49 -8.43 7.88
C TRP A 163 -0.58 -7.58 7.00
N THR A 164 0.51 -8.17 6.51
CA THR A 164 1.43 -7.49 5.61
C THR A 164 0.98 -7.77 4.18
N ASP A 165 1.85 -7.47 3.22
CA ASP A 165 1.52 -7.61 1.82
C ASP A 165 2.25 -8.74 1.09
N GLN A 166 2.36 -9.91 1.70
CA GLN A 166 3.05 -11.06 1.10
C GLN A 166 4.43 -10.67 0.56
N ASP A 167 5.47 -11.42 0.92
CA ASP A 167 6.84 -11.11 0.48
C ASP A 167 7.01 -11.30 -1.03
N SER A 168 7.90 -10.51 -1.63
CA SER A 168 8.17 -10.58 -3.07
C SER A 168 9.27 -11.59 -3.34
N ALA A 169 9.80 -12.19 -2.28
CA ALA A 169 10.88 -13.17 -2.41
C ALA A 169 10.41 -14.57 -2.05
N SER A 170 9.92 -14.76 -0.81
CA SER A 170 9.53 -16.08 -0.33
C SER A 170 8.01 -16.22 -0.25
N SER A 171 7.23 -15.18 -0.60
CA SER A 171 5.74 -15.21 -0.61
C SER A 171 5.07 -15.48 0.73
N THR A 172 5.80 -15.41 1.84
CA THR A 172 5.14 -15.67 3.11
C THR A 172 4.41 -14.42 3.57
N TYR A 173 3.58 -14.58 4.59
CA TYR A 173 2.83 -13.46 5.15
C TYR A 173 3.37 -13.14 6.54
N SER A 174 2.81 -12.11 7.14
CA SER A 174 3.24 -11.72 8.47
C SER A 174 2.19 -10.80 9.04
N MET A 175 1.70 -11.09 10.23
CA MET A 175 0.70 -10.21 10.83
C MET A 175 1.01 -9.93 12.30
N SER A 176 0.28 -8.98 12.87
CA SER A 176 0.47 -8.61 14.27
C SER A 176 -0.87 -8.46 14.97
N SER A 177 -0.91 -8.90 16.22
CA SER A 177 -2.13 -8.81 17.00
C SER A 177 -1.83 -7.82 18.13
N THR A 178 -2.56 -6.71 18.14
CA THR A 178 -2.33 -5.68 19.14
C THR A 178 -3.38 -5.57 20.22
N LEU A 179 -3.00 -5.94 21.43
CA LEU A 179 -3.90 -5.85 22.55
C LEU A 179 -3.62 -4.51 23.23
N THR A 180 -4.65 -3.70 23.42
CA THR A 180 -4.48 -2.39 24.06
C THR A 180 -5.32 -2.27 25.32
N LEU A 181 -4.65 -1.96 26.43
CA LEU A 181 -5.30 -1.82 27.74
C LEU A 181 -4.95 -0.45 28.32
N THR A 182 -5.34 -0.22 29.57
CA THR A 182 -4.99 1.02 30.26
C THR A 182 -3.95 0.59 31.26
N LYS A 183 -3.18 1.54 31.79
CA LYS A 183 -2.13 1.20 32.73
C LYS A 183 -2.65 0.45 33.97
N ASP A 184 -3.81 0.86 34.46
CA ASP A 184 -4.42 0.23 35.63
C ASP A 184 -4.82 -1.20 35.34
N LYS A 185 -5.45 -1.33 34.18
CA LYS A 185 -5.92 -2.62 33.66
C LYS A 185 -4.79 -3.62 33.51
N TYR A 186 -3.82 -3.17 32.73
CA TYR A 186 -2.66 -3.95 32.42
C TYR A 186 -1.97 -4.34 33.72
N GLU A 187 -2.05 -3.45 34.70
CA GLU A 187 -1.42 -3.65 36.00
C GLU A 187 -2.13 -4.59 36.97
N ARG A 188 -3.40 -4.87 36.74
CA ARG A 188 -4.12 -5.78 37.64
C ARG A 188 -4.03 -7.25 37.23
N HIS A 189 -3.28 -7.53 36.17
CA HIS A 189 -3.10 -8.90 35.68
C HIS A 189 -1.61 -9.17 35.55
N ASN A 190 -1.18 -10.38 35.88
CA ASN A 190 0.23 -10.71 35.81
C ASN A 190 0.68 -11.47 34.56
N SER A 191 -0.12 -12.43 34.13
CA SER A 191 0.22 -13.23 32.95
C SER A 191 -0.53 -12.81 31.68
N TYR A 192 0.20 -12.67 30.58
CA TYR A 192 -0.38 -12.29 29.28
C TYR A 192 0.08 -13.27 28.20
N THR A 193 -0.85 -14.05 27.67
CA THR A 193 -0.50 -15.03 26.65
C THR A 193 -1.04 -14.76 25.26
N CYS A 194 -0.22 -15.04 24.26
CA CYS A 194 -0.61 -14.91 22.86
C CYS A 194 -0.71 -16.33 22.36
N GLU A 195 -1.91 -16.74 21.99
CA GLU A 195 -2.14 -18.10 21.52
C GLU A 195 -2.63 -18.02 20.08
N ALA A 196 -2.08 -18.86 19.21
CA ALA A 196 -2.48 -18.82 17.82
C ALA A 196 -2.57 -20.18 17.16
N THR A 197 -3.51 -20.31 16.23
CA THR A 197 -3.70 -21.55 15.49
C THR A 197 -3.41 -21.31 14.01
N HIS A 198 -2.86 -22.34 13.38
CA HIS A 198 -2.52 -22.30 11.97
C HIS A 198 -2.58 -23.74 11.49
N LYS A 199 -2.67 -23.94 10.18
CA LYS A 199 -2.75 -25.29 9.64
C LYS A 199 -1.44 -26.05 9.70
N THR A 200 -0.32 -25.33 9.72
CA THR A 200 0.98 -25.98 9.78
C THR A 200 1.20 -26.55 11.17
N SER A 201 0.45 -26.04 12.13
CA SER A 201 0.55 -26.47 13.52
C SER A 201 -0.66 -27.29 13.95
N SER A 202 -0.40 -28.53 14.37
CA SER A 202 -1.48 -29.37 14.83
C SER A 202 -2.00 -28.79 16.14
N SER A 203 -1.08 -28.38 17.01
CA SER A 203 -1.45 -27.79 18.29
C SER A 203 -1.30 -26.25 18.24
N PRO A 204 -1.77 -25.55 19.30
CA PRO A 204 -1.67 -24.08 19.34
C PRO A 204 -0.28 -23.54 19.64
N VAL A 205 0.13 -22.55 18.85
CA VAL A 205 1.42 -21.91 19.02
C VAL A 205 1.22 -20.92 20.18
N VAL A 206 2.07 -21.00 21.21
CA VAL A 206 1.93 -20.14 22.38
C VAL A 206 3.12 -19.32 22.86
N LYS A 207 2.90 -18.02 23.01
CA LYS A 207 3.92 -17.09 23.50
C LYS A 207 3.30 -16.52 24.77
N SER A 208 4.11 -15.96 25.65
CA SER A 208 3.58 -15.39 26.88
C SER A 208 4.69 -14.81 27.77
N PHE A 209 4.30 -13.87 28.63
CA PHE A 209 5.26 -13.27 29.56
C PHE A 209 4.56 -12.89 30.86
N ASN A 210 5.35 -12.54 31.86
CA ASN A 210 4.81 -12.15 33.14
C ASN A 210 5.18 -10.70 33.44
N ARG A 211 4.16 -9.88 33.71
CA ARG A 211 4.36 -8.48 34.01
C ARG A 211 5.32 -8.23 35.18
N ASN A 212 5.30 -9.10 36.18
CA ASN A 212 6.18 -8.94 37.35
C ASN A 212 7.64 -9.09 36.94
N GLU A 213 7.87 -9.92 35.94
CA GLU A 213 9.22 -10.14 35.44
C GLU A 213 9.65 -8.95 34.60
N CYS A 214 10.45 -8.08 35.22
CA CYS A 214 10.95 -6.88 34.56
C CYS A 214 11.27 -7.15 33.10
N GLN B 1 15.13 10.02 -18.05
CA GLN B 1 14.00 10.18 -19.01
C GLN B 1 12.80 10.83 -18.32
N VAL B 2 11.68 10.87 -19.02
CA VAL B 2 10.45 11.48 -18.52
C VAL B 2 10.10 11.17 -17.06
N THR B 3 9.80 12.21 -16.29
CA THR B 3 9.45 12.02 -14.90
C THR B 3 8.42 13.07 -14.46
N LEU B 4 7.51 12.68 -13.55
CA LEU B 4 6.45 13.57 -13.08
C LEU B 4 6.26 13.55 -11.58
N SER B 5 6.05 14.74 -11.01
CA SER B 5 5.84 14.87 -9.58
C SER B 5 4.54 15.61 -9.29
N GLN B 6 3.64 14.95 -8.54
CA GLN B 6 2.38 15.54 -8.12
C GLN B 6 2.70 16.18 -6.77
N SER B 7 1.94 17.19 -6.40
CA SER B 7 2.11 17.83 -5.11
C SER B 7 0.81 18.56 -4.83
N GLY B 8 0.39 18.54 -3.58
CA GLY B 8 -0.85 19.20 -3.22
C GLY B 8 -1.16 19.00 -1.76
N PRO B 9 -2.21 19.67 -1.25
CA PRO B 9 -2.53 19.49 0.16
C PRO B 9 -2.90 18.03 0.32
N GLY B 10 -2.62 17.43 1.47
CA GLY B 10 -2.96 16.03 1.65
C GLY B 10 -4.21 15.92 2.50
N LEU B 11 -4.88 17.04 2.70
CA LEU B 11 -6.09 17.09 3.50
C LEU B 11 -6.86 18.35 3.08
N VAL B 12 -8.17 18.20 2.91
CA VAL B 12 -9.07 19.29 2.55
C VAL B 12 -10.45 19.00 3.11
N LYS B 13 -11.16 20.04 3.52
CA LYS B 13 -12.50 19.88 4.09
C LYS B 13 -13.58 19.78 3.02
N PRO B 14 -14.67 19.04 3.29
CA PRO B 14 -15.71 18.97 2.27
C PRO B 14 -16.16 20.37 1.89
N SER B 15 -16.73 20.48 0.70
CA SER B 15 -17.20 21.76 0.17
C SER B 15 -16.03 22.52 -0.44
N GLN B 16 -14.85 22.41 0.16
CA GLN B 16 -13.68 23.09 -0.38
C GLN B 16 -13.28 22.42 -1.70
N SER B 17 -12.40 23.07 -2.46
CA SER B 17 -11.94 22.50 -3.74
C SER B 17 -10.43 22.24 -3.70
N LEU B 18 -9.98 21.15 -4.33
CA LEU B 18 -8.55 20.87 -4.30
C LEU B 18 -7.80 21.18 -5.59
N SER B 19 -6.53 21.53 -5.41
CA SER B 19 -5.65 21.86 -6.51
C SER B 19 -4.38 21.05 -6.33
N LEU B 20 -3.99 20.35 -7.40
CA LEU B 20 -2.79 19.54 -7.39
C LEU B 20 -1.92 20.06 -8.49
N THR B 21 -0.61 19.96 -8.31
CA THR B 21 0.31 20.43 -9.31
C THR B 21 1.12 19.26 -9.78
N CYS B 22 1.34 19.18 -11.08
CA CYS B 22 2.16 18.14 -11.65
C CYS B 22 3.29 18.85 -12.34
N THR B 23 4.50 18.60 -11.85
CA THR B 23 5.71 19.17 -12.40
C THR B 23 6.30 18.06 -13.26
N VAL B 24 6.64 18.37 -14.52
CA VAL B 24 7.21 17.37 -15.43
C VAL B 24 8.68 17.67 -15.71
N THR B 25 9.49 16.65 -15.59
CA THR B 25 10.91 16.77 -15.82
C THR B 25 11.29 15.94 -17.04
N SER B 26 12.19 16.56 -17.76
CA SER B 26 12.82 16.12 -18.98
C SER B 26 11.83 15.84 -20.07
N TYR B 27 10.97 16.81 -20.23
CA TYR B 27 10.09 16.82 -21.35
C TYR B 27 9.24 18.08 -21.35
N SER B 28 8.93 18.59 -22.53
CA SER B 28 8.08 19.76 -22.67
C SER B 28 6.63 19.35 -22.87
N ILE B 29 5.71 19.88 -22.06
CA ILE B 29 4.30 19.51 -22.19
C ILE B 29 3.69 20.13 -23.45
N THR B 30 4.50 20.90 -24.18
CA THR B 30 4.05 21.55 -25.40
C THR B 30 4.53 20.78 -26.61
N SER B 31 5.49 19.91 -26.38
CA SER B 31 6.09 19.12 -27.45
C SER B 31 5.14 18.11 -28.11
N ASP B 32 4.48 17.31 -27.29
CA ASP B 32 3.61 16.28 -27.81
C ASP B 32 3.02 15.56 -26.60
N TYR B 33 2.04 14.68 -26.83
CA TYR B 33 1.39 13.89 -25.77
C TYR B 33 0.25 14.55 -25.00
N ALA B 34 -0.48 13.71 -24.27
CA ALA B 34 -1.60 14.16 -23.45
C ALA B 34 -1.13 14.12 -22.03
N TRP B 35 -1.45 15.16 -21.28
CA TRP B 35 -1.06 15.23 -19.88
C TRP B 35 -2.31 15.04 -19.02
N ASN B 36 -2.36 13.84 -18.44
CA ASN B 36 -3.50 13.34 -17.65
C ASN B 36 -3.48 13.38 -16.14
N TRP B 37 -4.69 13.27 -15.61
CA TRP B 37 -4.94 13.20 -14.18
C TRP B 37 -5.83 11.96 -14.00
N ILE B 38 -5.35 11.02 -13.19
CA ILE B 38 -6.05 9.76 -12.91
C ILE B 38 -6.15 9.57 -11.42
N ARG B 39 -7.14 8.81 -10.96
CA ARG B 39 -7.25 8.56 -9.53
C ARG B 39 -7.68 7.15 -9.19
N GLN B 40 -7.07 6.62 -8.14
CA GLN B 40 -7.35 5.29 -7.67
C GLN B 40 -8.03 5.42 -6.32
N PHE B 41 -9.28 4.99 -6.26
CA PHE B 41 -10.07 5.08 -5.04
C PHE B 41 -9.61 4.03 -4.05
N ALA B 42 -10.14 4.09 -2.83
CA ALA B 42 -9.79 3.15 -1.78
C ALA B 42 -9.81 1.70 -2.27
N GLY B 43 -10.88 1.33 -2.97
CA GLY B 43 -10.99 -0.02 -3.49
C GLY B 43 -10.01 -0.35 -4.61
N GLN B 44 -9.08 0.56 -4.88
CA GLN B 44 -8.07 0.37 -5.92
C GLN B 44 -8.60 0.47 -7.35
N SER B 45 -9.86 0.86 -7.50
CA SER B 45 -10.43 1.05 -8.82
C SER B 45 -9.90 2.37 -9.38
N LEU B 46 -9.61 2.44 -10.67
CA LEU B 46 -9.03 3.66 -11.21
C LEU B 46 -10.03 4.46 -12.03
N GLU B 47 -9.88 5.77 -11.98
CA GLU B 47 -10.75 6.66 -12.74
C GLU B 47 -9.96 7.74 -13.47
N TRP B 48 -10.08 7.75 -14.79
CA TRP B 48 -9.43 8.75 -15.61
C TRP B 48 -10.21 10.05 -15.38
N MET B 49 -9.53 11.11 -14.93
CA MET B 49 -10.20 12.38 -14.66
C MET B 49 -10.23 13.34 -15.83
N GLY B 50 -9.19 13.31 -16.63
CA GLY B 50 -9.13 14.17 -17.79
C GLY B 50 -7.71 14.48 -18.15
N TYR B 51 -7.53 15.25 -19.20
CA TYR B 51 -6.18 15.63 -19.60
C TYR B 51 -6.19 16.95 -20.35
N ILE B 52 -4.99 17.42 -20.65
CA ILE B 52 -4.81 18.64 -21.43
C ILE B 52 -3.79 18.23 -22.47
N SER B 53 -4.07 18.53 -23.72
CA SER B 53 -3.17 18.18 -24.81
C SER B 53 -2.04 19.20 -24.91
N TYR B 54 -0.94 18.78 -25.52
CA TYR B 54 0.21 19.66 -25.69
C TYR B 54 -0.15 21.01 -26.33
N SER B 55 -1.32 21.12 -26.94
CA SER B 55 -1.71 22.36 -27.59
C SER B 55 -2.87 23.11 -26.95
N GLY B 56 -3.06 22.95 -25.65
CA GLY B 56 -4.16 23.65 -24.98
C GLY B 56 -5.51 22.96 -24.93
N SER B 57 -5.70 21.91 -25.72
CA SER B 57 -6.99 21.21 -25.71
C SER B 57 -7.14 20.42 -24.41
N THR B 58 -8.36 20.41 -23.89
CA THR B 58 -8.63 19.65 -22.69
C THR B 58 -9.80 18.72 -22.94
N SER B 59 -9.76 17.60 -22.27
CA SER B 59 -10.80 16.63 -22.34
C SER B 59 -11.06 16.14 -20.92
N TYR B 60 -12.33 16.02 -20.62
CA TYR B 60 -12.68 15.64 -19.27
C TYR B 60 -13.57 14.43 -19.23
N ASN B 61 -13.67 13.86 -18.04
CA ASN B 61 -14.52 12.72 -17.83
C ASN B 61 -15.89 13.35 -17.64
N PRO B 62 -16.87 12.98 -18.47
CA PRO B 62 -18.20 13.58 -18.32
C PRO B 62 -18.80 13.49 -16.92
N SER B 63 -18.37 12.51 -16.12
CA SER B 63 -18.91 12.34 -14.76
C SER B 63 -18.40 13.38 -13.76
N LEU B 64 -17.45 14.20 -14.20
CA LEU B 64 -16.91 15.26 -13.36
C LEU B 64 -16.76 16.50 -14.21
N LYS B 65 -17.49 16.55 -15.32
CA LYS B 65 -17.41 17.67 -16.27
C LYS B 65 -17.68 19.05 -15.66
N SER B 66 -18.44 19.11 -14.57
CA SER B 66 -18.78 20.38 -13.94
C SER B 66 -18.08 20.73 -12.62
N ARG B 67 -17.14 19.90 -12.20
CA ARG B 67 -16.41 20.13 -10.94
C ARG B 67 -14.92 20.29 -11.21
N ILE B 68 -14.49 19.83 -12.38
CA ILE B 68 -13.08 19.83 -12.75
C ILE B 68 -12.60 20.94 -13.73
N SER B 69 -11.32 21.29 -13.59
CA SER B 69 -10.68 22.30 -14.41
C SER B 69 -9.19 21.98 -14.50
N ILE B 70 -8.71 21.65 -15.69
CA ILE B 70 -7.30 21.37 -15.90
C ILE B 70 -6.70 22.45 -16.80
N THR B 71 -5.73 23.18 -16.25
CA THR B 71 -5.06 24.24 -17.00
C THR B 71 -3.56 23.93 -16.97
N ARG B 72 -2.76 24.78 -17.61
CA ARG B 72 -1.32 24.55 -17.60
C ARG B 72 -0.51 25.84 -17.49
N ASP B 73 0.79 25.66 -17.28
CA ASP B 73 1.73 26.78 -17.17
C ASP B 73 2.94 26.37 -18.00
N THR B 74 2.91 26.75 -19.27
CA THR B 74 3.96 26.41 -20.21
C THR B 74 5.34 26.88 -19.82
N SER B 75 5.42 28.08 -19.24
CA SER B 75 6.74 28.58 -18.85
C SER B 75 7.39 27.79 -17.71
N LYS B 76 6.57 27.19 -16.85
CA LYS B 76 7.10 26.41 -15.72
C LYS B 76 7.05 24.90 -15.97
N ASN B 77 6.41 24.51 -17.07
CA ASN B 77 6.28 23.11 -17.49
C ASN B 77 5.51 22.25 -16.47
N GLN B 78 4.28 22.67 -16.20
CA GLN B 78 3.40 22.00 -15.25
C GLN B 78 1.93 22.14 -15.64
N PHE B 79 1.11 21.21 -15.19
CA PHE B 79 -0.31 21.29 -15.44
C PHE B 79 -1.01 21.00 -14.12
N PHE B 80 -2.10 21.73 -13.88
CA PHE B 80 -2.82 21.60 -12.64
C PHE B 80 -4.20 20.99 -12.78
N LEU B 81 -4.78 20.62 -11.65
CA LEU B 81 -6.12 20.06 -11.63
C LEU B 81 -6.83 20.68 -10.43
N GLN B 82 -7.95 21.33 -10.71
CA GLN B 82 -8.75 21.94 -9.65
C GLN B 82 -10.10 21.24 -9.65
N LEU B 83 -10.50 20.70 -8.51
CA LEU B 83 -11.77 20.01 -8.41
C LEU B 83 -12.59 20.72 -7.35
N ASN B 84 -13.67 21.35 -7.75
CA ASN B 84 -14.51 22.09 -6.81
C ASN B 84 -15.47 21.25 -5.98
N SER B 85 -16.01 21.88 -4.95
CA SER B 85 -16.98 21.27 -4.03
C SER B 85 -16.70 19.82 -3.61
N VAL B 86 -15.43 19.47 -3.35
CA VAL B 86 -15.10 18.10 -2.98
C VAL B 86 -15.89 17.54 -1.80
N THR B 87 -16.21 16.27 -1.91
CA THR B 87 -16.97 15.57 -0.90
C THR B 87 -16.12 14.41 -0.46
N THR B 88 -16.42 13.89 0.74
CA THR B 88 -15.72 12.75 1.31
C THR B 88 -15.42 11.69 0.27
N ASP B 89 -16.33 11.56 -0.66
CA ASP B 89 -16.14 10.51 -1.62
C ASP B 89 -14.97 10.80 -2.62
N ASP B 90 -14.43 12.02 -2.68
CA ASP B 90 -13.27 12.31 -3.57
C ASP B 90 -11.95 11.92 -2.88
N THR B 91 -12.05 11.29 -1.70
CA THR B 91 -10.82 10.88 -1.05
C THR B 91 -10.25 9.79 -1.96
N ALA B 92 -9.05 10.03 -2.47
CA ALA B 92 -8.39 9.09 -3.38
C ALA B 92 -6.93 9.45 -3.58
N THR B 93 -6.25 8.68 -4.41
CA THR B 93 -4.85 8.94 -4.72
C THR B 93 -4.81 9.52 -6.12
N TYR B 94 -4.38 10.77 -6.24
CA TYR B 94 -4.34 11.42 -7.54
C TYR B 94 -2.98 11.28 -8.20
N TYR B 95 -3.01 10.89 -9.47
CA TYR B 95 -1.80 10.71 -10.27
C TYR B 95 -1.88 11.58 -11.51
N CYS B 96 -0.70 11.88 -12.06
CA CYS B 96 -0.64 12.60 -13.31
C CYS B 96 0.18 11.71 -14.21
N ALA B 97 -0.23 11.63 -15.46
CA ALA B 97 0.47 10.79 -16.40
C ALA B 97 0.53 11.37 -17.79
N ARG B 98 1.48 10.85 -18.55
CA ARG B 98 1.64 11.28 -19.91
C ARG B 98 0.91 10.26 -20.76
N GLY B 99 -0.06 10.74 -21.52
CA GLY B 99 -0.82 9.85 -22.37
C GLY B 99 -0.12 9.74 -23.71
N GLY B 100 -0.27 8.59 -24.34
CA GLY B 100 0.34 8.35 -25.65
C GLY B 100 -0.11 6.97 -26.09
N THR B 101 0.77 6.01 -25.87
CA THR B 101 0.55 4.60 -26.19
C THR B 101 0.05 4.03 -24.84
N GLY B 102 -1.11 4.52 -24.43
CA GLY B 102 -1.63 4.14 -23.13
C GLY B 102 -0.97 5.14 -22.21
N PHE B 103 -0.78 4.77 -20.95
CA PHE B 103 -0.12 5.63 -19.99
C PHE B 103 1.20 5.01 -19.56
N PRO B 104 2.27 5.18 -20.36
CA PRO B 104 3.58 4.61 -20.02
C PRO B 104 4.34 5.33 -18.92
N TYR B 105 3.86 6.53 -18.56
CA TYR B 105 4.49 7.37 -17.54
C TYR B 105 3.53 7.90 -16.45
N TRP B 106 3.79 7.49 -15.21
CA TRP B 106 2.97 7.88 -14.07
C TRP B 106 3.81 8.59 -13.01
N GLY B 107 3.19 9.49 -12.25
CA GLY B 107 3.91 10.14 -11.18
C GLY B 107 3.89 9.13 -10.06
N THR B 108 4.42 9.45 -8.88
CA THR B 108 4.40 8.47 -7.82
C THR B 108 3.12 8.56 -7.00
N GLY B 109 2.23 9.46 -7.41
CA GLY B 109 0.96 9.63 -6.74
C GLY B 109 1.04 10.43 -5.46
N THR B 110 -0.05 11.11 -5.13
CA THR B 110 -0.13 11.91 -3.91
C THR B 110 -1.52 11.63 -3.33
N ASN B 111 -1.55 11.19 -2.07
CA ASN B 111 -2.81 10.86 -1.41
C ASN B 111 -3.59 12.09 -0.97
N VAL B 112 -4.91 12.03 -1.16
CA VAL B 112 -5.77 13.14 -0.78
C VAL B 112 -6.97 12.67 0.05
N THR B 113 -7.09 13.18 1.26
CA THR B 113 -8.17 12.81 2.14
C THR B 113 -9.14 13.98 2.35
N VAL B 114 -10.35 13.84 1.82
CA VAL B 114 -11.34 14.90 2.01
C VAL B 114 -12.05 14.59 3.32
N SER B 115 -11.78 15.40 4.34
CA SER B 115 -12.38 15.20 5.64
C SER B 115 -12.38 16.49 6.44
N ALA B 116 -13.37 16.61 7.33
CA ALA B 116 -13.51 17.79 8.17
C ALA B 116 -12.94 17.46 9.54
N ALA B 117 -12.15 16.39 9.59
CA ALA B 117 -11.55 15.91 10.83
C ALA B 117 -10.36 16.73 11.32
N SER B 118 -9.97 16.47 12.57
CA SER B 118 -8.85 17.16 13.19
C SER B 118 -7.57 16.38 12.94
N THR B 119 -6.62 17.00 12.27
CA THR B 119 -5.34 16.36 12.01
C THR B 119 -4.55 16.10 13.31
N THR B 120 -4.05 14.88 13.46
CA THR B 120 -3.30 14.56 14.66
C THR B 120 -2.05 13.75 14.35
N ALA B 121 -0.96 14.12 14.99
CA ALA B 121 0.33 13.48 14.83
C ALA B 121 0.27 12.10 15.46
N PRO B 122 1.26 11.25 15.15
CA PRO B 122 1.31 9.88 15.67
C PRO B 122 2.23 9.62 16.86
N SER B 123 1.69 9.05 17.92
CA SER B 123 2.52 8.69 19.07
C SER B 123 3.28 7.47 18.62
N VAL B 124 4.53 7.35 19.05
CA VAL B 124 5.35 6.23 18.66
C VAL B 124 5.97 5.55 19.88
N PHE B 125 5.88 4.22 19.93
CA PHE B 125 6.44 3.47 21.05
C PHE B 125 7.30 2.29 20.58
N PRO B 126 8.36 1.99 21.33
CA PRO B 126 9.27 0.90 20.98
C PRO B 126 8.75 -0.52 21.26
N LEU B 127 9.07 -1.45 20.36
CA LEU B 127 8.68 -2.85 20.53
C LEU B 127 9.95 -3.64 20.82
N VAL B 128 10.30 -3.75 22.10
CA VAL B 128 11.52 -4.44 22.53
C VAL B 128 11.18 -5.70 23.30
N PRO B 129 11.87 -6.78 22.91
CA PRO B 129 11.62 -8.08 23.54
C PRO B 129 11.54 -8.19 25.04
N GLY B 130 11.04 -9.33 25.54
CA GLY B 130 10.87 -9.54 26.97
C GLY B 130 12.04 -10.22 27.65
N SER B 131 13.25 -9.89 27.19
CA SER B 131 14.48 -10.44 27.76
C SER B 131 14.62 -11.95 27.56
N ALA B 132 13.80 -12.73 28.27
CA ALA B 132 13.85 -14.19 28.19
C ALA B 132 14.01 -14.67 26.73
N THR B 133 13.19 -14.11 25.85
CA THR B 133 13.21 -14.46 24.43
C THR B 133 14.57 -14.10 23.81
N ALA B 134 15.50 -15.06 23.89
CA ALA B 134 16.85 -14.88 23.35
C ALA B 134 17.11 -15.87 22.22
N ALA B 135 16.51 -15.60 21.05
CA ALA B 135 16.65 -16.45 19.87
C ALA B 135 18.06 -16.50 19.29
N ALA B 136 19.04 -16.03 20.07
CA ALA B 136 20.43 -16.04 19.66
C ALA B 136 20.68 -15.30 18.35
N SER B 137 21.23 -16.01 17.37
CA SER B 137 21.56 -15.45 16.05
C SER B 137 20.54 -14.51 15.40
N ALA B 138 19.28 -14.58 15.83
CA ALA B 138 18.26 -13.72 15.25
C ALA B 138 17.30 -13.12 16.29
N VAL B 139 17.17 -11.81 16.25
CA VAL B 139 16.28 -11.09 17.17
C VAL B 139 15.43 -10.08 16.39
N THR B 140 14.24 -9.76 16.89
CA THR B 140 13.36 -8.83 16.20
C THR B 140 12.92 -7.65 17.05
N LEU B 141 13.03 -6.45 16.48
CA LEU B 141 12.64 -5.22 17.18
C LEU B 141 11.46 -4.63 16.42
N GLY B 142 10.70 -3.78 17.09
CA GLY B 142 9.57 -3.17 16.41
C GLY B 142 9.45 -1.69 16.71
N CYS B 143 8.44 -1.09 16.11
CA CYS B 143 8.11 0.30 16.27
C CYS B 143 6.61 0.40 16.11
N LEU B 144 5.90 0.74 17.18
CA LEU B 144 4.43 0.82 17.13
C LEU B 144 4.04 2.29 16.94
N VAL B 145 3.30 2.55 15.86
CA VAL B 145 2.84 3.89 15.53
C VAL B 145 1.33 3.94 15.60
N LYS B 146 0.79 4.79 16.48
CA LYS B 146 -0.65 4.86 16.62
C LYS B 146 -1.18 6.25 16.91
N GLY B 147 -2.49 6.39 16.75
CA GLY B 147 -3.19 7.63 17.01
C GLY B 147 -2.96 8.72 15.97
N TYR B 148 -2.72 8.36 14.71
CA TYR B 148 -2.42 9.44 13.77
C TYR B 148 -3.52 9.78 12.78
N PHE B 149 -3.68 11.02 12.25
CA PHE B 149 -4.81 10.93 11.32
C PHE B 149 -4.71 11.20 9.81
N PRO B 150 -4.08 12.16 9.08
CA PRO B 150 -4.45 11.64 7.76
C PRO B 150 -3.95 10.25 7.64
N GLU B 151 -3.68 10.01 6.38
CA GLU B 151 -3.10 8.81 5.90
C GLU B 151 -2.27 9.11 4.70
N PRO B 152 -1.00 8.76 4.89
CA PRO B 152 0.42 8.39 5.03
C PRO B 152 1.00 8.48 6.36
N VAL B 153 2.10 7.81 6.34
CA VAL B 153 3.08 7.70 7.36
C VAL B 153 4.12 6.86 6.73
N THR B 154 5.32 7.34 6.89
CA THR B 154 6.49 6.69 6.33
C THR B 154 7.38 6.13 7.43
N VAL B 155 7.57 4.82 7.46
CA VAL B 155 8.43 4.21 8.46
C VAL B 155 9.71 3.74 7.79
N ALA B 156 10.85 3.99 8.42
CA ALA B 156 12.14 3.55 7.90
C ALA B 156 13.09 3.17 9.04
N TRP B 157 14.12 2.41 8.71
CA TRP B 157 15.10 1.98 9.71
C TRP B 157 16.50 2.43 9.31
N ASN B 158 17.17 3.13 10.22
CA ASN B 158 18.50 3.62 9.96
C ASN B 158 18.47 4.45 8.69
N GLU B 159 17.40 5.22 8.55
CA GLU B 159 17.26 6.12 7.42
C GLU B 159 17.32 5.35 6.09
N GLY B 160 16.86 4.08 6.09
CA GLY B 160 16.89 3.26 4.89
C GLY B 160 18.12 2.37 4.83
N ALA B 161 19.13 2.71 5.63
CA ALA B 161 20.36 1.93 5.69
C ALA B 161 20.02 0.46 5.90
N LEU B 162 19.24 0.19 6.94
CA LEU B 162 18.81 -1.16 7.27
C LEU B 162 17.44 -1.33 6.62
N SER B 163 17.38 -2.07 5.51
CA SER B 163 16.12 -2.27 4.81
C SER B 163 15.80 -3.71 4.38
N SER B 164 16.42 -4.68 5.04
CA SER B 164 16.19 -6.10 4.77
C SER B 164 15.64 -6.80 6.00
N GLY B 165 14.52 -7.51 5.84
CA GLY B 165 13.89 -8.18 6.95
C GLY B 165 12.82 -7.27 7.55
N VAL B 166 12.57 -6.17 6.84
CA VAL B 166 11.61 -5.17 7.25
C VAL B 166 10.18 -5.63 6.95
N LEU B 167 9.40 -5.80 7.99
CA LEU B 167 8.03 -6.22 7.76
C LEU B 167 7.08 -5.20 8.46
N THR B 168 6.53 -4.30 7.65
CA THR B 168 5.61 -3.24 8.08
C THR B 168 4.21 -3.81 8.12
N VAL B 169 3.24 -3.07 8.62
CA VAL B 169 1.90 -3.58 8.72
C VAL B 169 0.85 -2.53 8.36
N SER B 170 0.00 -2.86 7.39
CA SER B 170 -1.07 -1.99 6.90
C SER B 170 -1.81 -1.25 8.01
N ALA B 171 -2.28 -0.06 7.67
CA ALA B 171 -3.02 0.82 8.57
C ALA B 171 -4.46 0.33 8.83
N VAL B 172 -4.99 0.71 10.00
CA VAL B 172 -6.36 0.36 10.37
C VAL B 172 -6.95 1.52 11.16
N LEU B 173 -8.28 1.62 11.18
CA LEU B 173 -8.96 2.67 11.93
C LEU B 173 -9.45 2.14 13.29
N GLN B 174 -9.38 3.01 14.29
CA GLN B 174 -9.82 2.69 15.64
C GLN B 174 -10.54 3.93 16.13
N SER B 175 -11.86 3.82 16.21
CA SER B 175 -12.72 4.92 16.63
C SER B 175 -12.74 6.01 15.56
N GLY B 176 -11.54 6.51 15.21
CA GLY B 176 -11.44 7.55 14.19
C GLY B 176 -10.01 8.01 13.96
N LEU B 177 -9.05 7.15 14.28
CA LEU B 177 -7.64 7.47 14.12
C LEU B 177 -6.86 6.23 13.63
N TYR B 178 -5.72 6.43 12.96
CA TYR B 178 -4.93 5.31 12.45
C TYR B 178 -3.83 4.73 13.32
N THR B 179 -3.52 3.46 13.06
CA THR B 179 -2.50 2.74 13.81
C THR B 179 -1.77 1.80 12.87
N LEU B 180 -0.52 1.49 13.21
CA LEU B 180 0.30 0.64 12.38
C LEU B 180 1.54 0.25 13.20
N SER B 181 2.34 -0.65 12.68
CA SER B 181 3.56 -1.06 13.38
C SER B 181 4.52 -1.67 12.38
N SER B 182 5.81 -1.38 12.55
CA SER B 182 6.86 -1.90 11.67
C SER B 182 7.72 -2.89 12.46
N ASN B 183 8.14 -3.97 11.82
CA ASN B 183 8.96 -4.97 12.49
C ASN B 183 10.18 -5.32 11.68
N THR B 184 11.33 -5.20 12.31
CA THR B 184 12.59 -5.53 11.68
C THR B 184 13.29 -6.68 12.40
N THR B 185 13.93 -7.56 11.64
CA THR B 185 14.64 -8.67 12.25
C THR B 185 16.14 -8.46 12.00
N VAL B 186 16.93 -8.54 13.07
CA VAL B 186 18.36 -8.32 12.98
C VAL B 186 19.16 -9.35 13.77
N ALA B 187 20.46 -9.47 13.45
CA ALA B 187 21.35 -10.42 14.10
C ALA B 187 21.71 -10.02 15.52
N SER B 188 21.81 -11.01 16.43
CA SER B 188 22.14 -10.75 17.84
C SER B 188 23.50 -10.08 18.01
N GLY B 189 24.36 -10.11 17.03
CA GLY B 189 25.63 -9.51 17.36
C GLY B 189 25.39 -8.04 17.49
N THR B 190 24.73 -7.61 16.40
CA THR B 190 24.34 -6.26 16.04
C THR B 190 23.38 -5.58 16.92
N TRP B 191 22.52 -6.23 17.62
CA TRP B 191 21.73 -5.20 18.11
C TRP B 191 22.02 -4.76 19.58
N PRO B 192 22.50 -5.59 20.60
CA PRO B 192 22.89 -4.75 21.80
C PRO B 192 23.91 -3.63 21.42
N SER B 193 24.89 -3.92 20.56
CA SER B 193 25.87 -2.90 20.20
C SER B 193 25.24 -1.84 19.32
N ALA B 194 25.51 -1.89 18.02
CA ALA B 194 24.97 -0.94 17.06
C ALA B 194 23.54 -0.57 17.41
N SER B 195 23.14 0.65 17.08
CA SER B 195 21.78 1.09 17.43
C SER B 195 20.90 1.21 16.19
N VAL B 196 19.70 0.64 16.28
CA VAL B 196 18.74 0.72 15.18
C VAL B 196 17.70 1.73 15.61
N THR B 197 17.25 2.53 14.66
CA THR B 197 16.24 3.51 14.97
C THR B 197 15.18 3.53 13.88
N CYS B 198 13.93 3.71 14.29
CA CYS B 198 12.85 3.76 13.33
C CYS B 198 12.44 5.20 13.10
N LEU B 199 12.61 5.65 11.87
CA LEU B 199 12.26 7.01 11.50
C LEU B 199 10.81 7.05 11.05
N VAL B 200 9.98 7.75 11.81
CA VAL B 200 8.57 7.86 11.48
C VAL B 200 8.26 9.25 10.92
N ALA B 201 7.63 9.25 9.75
CA ALA B 201 7.26 10.51 9.11
C ALA B 201 5.74 10.58 8.90
N HIS B 202 5.16 11.71 9.24
CA HIS B 202 3.73 11.94 9.04
C HIS B 202 3.59 13.27 8.34
N PRO B 203 3.55 13.25 7.00
CA PRO B 203 3.44 14.41 6.12
C PRO B 203 2.61 15.62 6.58
N LYS B 204 1.30 15.49 6.53
CA LYS B 204 0.41 16.59 6.87
C LYS B 204 0.46 17.18 8.26
N SER B 205 1.03 16.44 9.19
CA SER B 205 1.16 16.97 10.53
C SER B 205 2.57 17.55 10.55
N SER B 206 3.32 17.22 9.50
CA SER B 206 4.71 17.65 9.33
C SER B 206 5.60 17.19 10.50
N THR B 207 5.45 15.92 10.88
CA THR B 207 6.25 15.36 11.96
C THR B 207 7.13 14.22 11.46
N ALA B 208 8.43 14.35 11.70
CA ALA B 208 9.41 13.34 11.32
C ALA B 208 10.09 12.92 12.62
N ALA B 209 9.50 11.95 13.30
CA ALA B 209 10.04 11.46 14.57
C ALA B 209 11.11 10.41 14.36
N ASP B 210 11.91 10.19 15.40
CA ASP B 210 12.99 9.21 15.38
C ASP B 210 13.06 8.47 16.71
N LYS B 211 12.79 7.17 16.67
CA LYS B 211 12.80 6.37 17.87
C LYS B 211 14.02 5.47 17.92
N LYS B 212 14.65 5.40 19.10
CA LYS B 212 15.83 4.56 19.28
C LYS B 212 15.44 3.36 20.15
N ILE B 213 15.65 2.16 19.61
CA ILE B 213 15.32 0.95 20.36
C ILE B 213 16.47 0.59 21.29
N GLU B 214 16.21 0.63 22.59
CA GLU B 214 17.24 0.32 23.57
C GLU B 214 16.84 -0.86 24.46
N PRO B 215 17.82 -1.73 24.79
CA PRO B 215 17.66 -2.94 25.62
C PRO B 215 16.77 -2.86 26.87
N LYS B 216 16.38 -4.04 27.34
CA LYS B 216 15.50 -4.21 28.49
C LYS B 216 16.20 -4.22 29.85
N ASP B 217 16.34 -3.04 30.47
CA ASP B 217 16.98 -2.96 31.79
C ASP B 217 17.09 -1.55 32.34
N GLN C 2 2.35 9.42 -32.76
CA GLN C 2 1.55 8.16 -32.64
C GLN C 2 0.82 8.08 -31.30
N LEU C 3 -0.32 8.75 -31.24
CA LEU C 3 -1.15 8.76 -30.03
C LEU C 3 -2.43 7.98 -30.26
N ASP C 4 -2.95 7.35 -29.19
CA ASP C 4 -4.19 6.58 -29.28
C ASP C 4 -5.32 7.55 -29.56
N PRO C 5 -6.28 7.14 -30.38
CA PRO C 5 -7.44 7.97 -30.75
C PRO C 5 -8.02 8.79 -29.61
N ALA C 6 -8.19 8.15 -28.46
CA ALA C 6 -8.78 8.78 -27.29
C ALA C 6 -8.06 10.05 -26.83
N PHE C 7 -6.89 10.31 -27.38
CA PHE C 7 -6.13 11.47 -26.98
C PHE C 7 -6.28 12.64 -27.94
N GLY C 8 -7.48 12.81 -28.48
CA GLY C 8 -7.72 13.92 -29.40
C GLY C 8 -7.47 13.59 -30.84
#